data_4Q98
#
_entry.id   4Q98
#
_cell.length_a   36.398
_cell.length_b   67.641
_cell.length_c   65.576
_cell.angle_alpha   90.000
_cell.angle_beta   90.470
_cell.angle_gamma   90.000
#
_symmetry.space_group_name_H-M   'P 1 21 1'
#
loop_
_entity.id
_entity.type
_entity.pdbx_description
1 polymer 'Major fimbrial subunit protein'
2 non-polymer 'SODIUM ION'
3 water water
#
_entity_poly.entity_id   1
_entity_poly.type   'polypeptide(L)'
_entity_poly.pdbx_seq_one_letter_code
;GKDNEAEPVVETNATVSFIIKSGESRAVGDDLTDAKITKLTA(MSE)VYAGQVQEGIKTVEEDGGVLKVEGIPCKSGANR
VLVVVANHNYELTGKSLNEVEALTTSLTAENQNAKNLI(MSE)TGKSAAFTIKPGSNHYGYPGGTASDNLVSAGTPLAVT
RVHAGISFAGVEVN(MSE)ATQYQNYYSFKPADAKIAALVAKKDSKIFGNSLVSNTNAYLYGVQTPAGLYTPDAAGETYE
LEASLNTNYAVGAGFYVLESKYDASNELRPTILCIYGKLLDKDGNPLTEPALTDAINAGFCDGDGTTYYPVLVNYDGNGY
IYSGAITQGQNKIVRNNHYKISLNITGPGTNTPENPQPVQANLNVTCQVTPWVVVNQAATW
;
_entity_poly.pdbx_strand_id   A
#
# COMPACT_ATOMS: atom_id res chain seq x y z
N VAL A 9 9.84 -26.31 -31.13
CA VAL A 9 9.78 -25.27 -30.05
C VAL A 9 8.98 -25.69 -28.82
N VAL A 10 7.94 -26.50 -29.02
CA VAL A 10 7.08 -26.90 -27.92
C VAL A 10 7.60 -28.09 -27.11
N GLU A 11 8.62 -28.79 -27.60
CA GLU A 11 9.09 -29.97 -26.86
CA GLU A 11 9.10 -29.97 -26.87
C GLU A 11 9.80 -29.57 -25.55
N THR A 12 9.57 -30.37 -24.52
CA THR A 12 10.13 -30.18 -23.19
C THR A 12 10.81 -31.45 -22.70
N ASN A 13 11.77 -31.31 -21.81
CA ASN A 13 12.49 -32.44 -21.22
C ASN A 13 12.66 -32.31 -19.71
N ALA A 14 11.92 -31.37 -19.10
CA ALA A 14 12.06 -31.11 -17.68
C ALA A 14 10.73 -30.65 -17.11
N THR A 15 10.60 -30.76 -15.80
CA THR A 15 9.58 -30.07 -15.06
C THR A 15 10.23 -29.30 -13.91
N VAL A 16 9.58 -28.19 -13.54
CA VAL A 16 9.94 -27.39 -12.35
CA VAL A 16 9.94 -27.40 -12.37
C VAL A 16 8.73 -27.35 -11.42
N SER A 17 9.01 -27.59 -10.13
CA SER A 17 8.06 -27.42 -9.04
C SER A 17 8.69 -26.41 -8.07
N PHE A 18 7.86 -25.60 -7.41
CA PHE A 18 8.38 -24.68 -6.41
C PHE A 18 7.41 -24.44 -5.28
N ILE A 19 7.99 -24.05 -4.16
CA ILE A 19 7.26 -23.63 -2.97
C ILE A 19 7.30 -22.10 -2.87
N ILE A 20 6.19 -21.53 -2.44
CA ILE A 20 6.03 -20.09 -2.24
C ILE A 20 6.22 -19.77 -0.76
N LYS A 21 6.97 -18.71 -0.46
CA LYS A 21 7.19 -18.29 0.92
C LYS A 21 5.85 -17.92 1.58
N SER A 22 5.65 -18.43 2.78
CA SER A 22 4.44 -18.18 3.52
C SER A 22 4.81 -18.01 4.99
N GLY A 23 3.86 -17.55 5.76
CA GLY A 23 4.11 -17.30 7.18
C GLY A 23 2.85 -17.33 7.99
N GLU A 24 3.05 -17.26 9.31
CA GLU A 24 1.98 -17.24 10.27
C GLU A 24 1.33 -15.87 10.20
N SER A 25 0.02 -15.85 10.01
CA SER A 25 -0.76 -14.63 10.02
C SER A 25 -1.17 -14.30 11.45
N ARG A 26 -0.74 -13.15 11.96
CA ARG A 26 -1.20 -12.62 13.25
C ARG A 26 -1.91 -11.26 13.08
N ALA A 27 -2.36 -10.97 11.85
CA ALA A 27 -3.22 -9.82 11.58
C ALA A 27 -4.61 -10.15 12.07
N VAL A 28 -5.18 -9.28 12.91
CA VAL A 28 -6.45 -9.56 13.62
C VAL A 28 -7.55 -8.50 13.43
N GLY A 29 -7.37 -7.33 14.05
CA GLY A 29 -8.39 -6.26 14.05
C GLY A 29 -8.19 -5.18 12.99
N ASP A 30 -7.77 -5.61 11.79
CA ASP A 30 -7.56 -4.71 10.68
C ASP A 30 -8.28 -5.24 9.43
N ASP A 31 -9.00 -4.35 8.76
CA ASP A 31 -9.64 -4.67 7.47
C ASP A 31 -8.64 -5.22 6.46
N LEU A 32 -7.48 -4.58 6.39
CA LEU A 32 -6.50 -4.87 5.32
C LEU A 32 -5.64 -6.08 5.71
N THR A 33 -6.01 -7.23 5.21
CA THR A 33 -5.41 -8.43 5.75
C THR A 33 -4.29 -8.98 4.89
N ASP A 34 -3.73 -10.06 5.40
CA ASP A 34 -2.65 -10.76 4.78
C ASP A 34 -3.06 -11.36 3.43
N ALA A 35 -2.07 -11.68 2.62
CA ALA A 35 -2.30 -12.11 1.26
C ALA A 35 -2.72 -13.57 1.15
N LYS A 36 -3.59 -13.83 0.18
CA LYS A 36 -3.96 -15.19 -0.18
C LYS A 36 -3.94 -15.27 -1.69
N ILE A 37 -3.16 -16.22 -2.21
CA ILE A 37 -3.03 -16.36 -3.66
C ILE A 37 -4.14 -17.25 -4.19
N THR A 38 -5.02 -16.69 -5.02
CA THR A 38 -6.09 -17.44 -5.64
C THR A 38 -5.88 -17.76 -7.13
N LYS A 39 -4.94 -17.06 -7.75
CA LYS A 39 -4.62 -17.23 -9.16
C LYS A 39 -3.13 -16.98 -9.29
N LEU A 40 -2.41 -17.86 -9.97
CA LEU A 40 -0.96 -17.70 -10.08
C LEU A 40 -0.51 -18.20 -11.42
N THR A 41 0.32 -17.39 -12.08
CA THR A 41 0.97 -17.77 -13.31
C THR A 41 2.47 -17.86 -13.06
N ALA A 42 3.02 -19.04 -13.32
CA ALA A 42 4.44 -19.32 -13.14
C ALA A 42 5.06 -19.52 -14.49
N VAL A 44 8.88 -19.89 -16.78
CA VAL A 44 10.32 -20.12 -16.84
C VAL A 44 10.86 -19.38 -18.04
N TYR A 45 11.88 -18.55 -17.82
CA TYR A 45 12.54 -17.77 -18.88
C TYR A 45 13.98 -18.18 -19.08
N ALA A 46 14.36 -18.26 -20.36
CA ALA A 46 15.75 -18.40 -20.77
C ALA A 46 16.12 -17.11 -21.49
N GLY A 47 16.80 -16.22 -20.78
CA GLY A 47 16.95 -14.85 -21.28
C GLY A 47 15.57 -14.21 -21.45
N GLN A 48 15.32 -13.72 -22.65
CA GLN A 48 14.05 -13.10 -23.00
C GLN A 48 12.92 -14.08 -23.28
N VAL A 49 13.24 -15.35 -23.49
CA VAL A 49 12.29 -16.30 -24.07
C VAL A 49 11.54 -17.09 -23.01
N GLN A 50 10.21 -17.07 -23.09
CA GLN A 50 9.34 -17.83 -22.20
C GLN A 50 9.37 -19.31 -22.64
N GLU A 51 9.96 -20.15 -21.81
CA GLU A 51 10.13 -21.59 -22.10
C GLU A 51 9.19 -22.51 -21.35
N GLY A 52 8.47 -21.96 -20.41
CA GLY A 52 7.45 -22.71 -19.68
C GLY A 52 6.46 -21.74 -19.08
N ILE A 53 5.21 -22.17 -18.95
CA ILE A 53 4.18 -21.36 -18.32
C ILE A 53 3.06 -22.26 -17.82
N LYS A 54 2.62 -22.00 -16.61
CA LYS A 54 1.48 -22.70 -16.03
C LYS A 54 0.71 -21.74 -15.16
N THR A 55 -0.62 -21.76 -15.31
CA THR A 55 -1.49 -20.95 -14.45
C THR A 55 -2.35 -21.90 -13.62
N VAL A 56 -2.43 -21.61 -12.32
CA VAL A 56 -3.28 -22.34 -11.41
C VAL A 56 -4.25 -21.38 -10.72
N GLU A 57 -5.46 -21.87 -10.47
CA GLU A 57 -6.47 -21.10 -9.77
C GLU A 57 -7.08 -22.05 -8.70
N GLU A 58 -7.00 -21.55 -7.46
CA GLU A 58 -7.55 -22.28 -6.33
CA GLU A 58 -7.47 -22.28 -6.30
C GLU A 58 -8.04 -21.28 -5.30
N ASP A 59 -9.37 -21.28 -5.10
CA ASP A 59 -10.03 -20.35 -4.16
CA ASP A 59 -9.97 -20.31 -4.18
C ASP A 59 -9.48 -20.52 -2.75
N GLY A 60 -9.02 -21.72 -2.42
CA GLY A 60 -8.49 -22.03 -1.10
C GLY A 60 -7.08 -21.57 -0.82
N GLY A 61 -6.41 -21.06 -1.86
CA GLY A 61 -5.06 -20.56 -1.73
C GLY A 61 -4.07 -21.46 -2.43
N VAL A 62 -3.01 -20.86 -2.93
CA VAL A 62 -1.91 -21.54 -3.63
C VAL A 62 -0.62 -21.31 -2.84
N LEU A 63 0.08 -22.38 -2.49
CA LEU A 63 1.36 -22.31 -1.79
C LEU A 63 2.51 -23.05 -2.49
N LYS A 64 2.18 -23.72 -3.58
CA LYS A 64 3.17 -24.40 -4.39
C LYS A 64 2.61 -24.62 -5.77
N VAL A 65 3.50 -24.83 -6.73
CA VAL A 65 3.11 -25.19 -8.06
C VAL A 65 4.02 -26.35 -8.46
N GLU A 66 3.41 -27.41 -9.00
CA GLU A 66 4.12 -28.62 -9.33
C GLU A 66 4.08 -28.89 -10.83
N GLY A 67 5.19 -29.42 -11.35
CA GLY A 67 5.19 -30.04 -12.66
C GLY A 67 5.08 -29.13 -13.85
N ILE A 68 5.69 -27.94 -13.77
CA ILE A 68 5.64 -26.99 -14.87
C ILE A 68 6.58 -27.50 -15.98
N PRO A 69 6.03 -27.81 -17.19
CA PRO A 69 6.94 -28.29 -18.24
C PRO A 69 7.88 -27.19 -18.72
N CYS A 70 9.14 -27.54 -18.96
CA CYS A 70 10.12 -26.57 -19.43
C CYS A 70 11.31 -27.31 -20.03
N LYS A 71 12.36 -26.56 -20.35
CA LYS A 71 13.52 -27.09 -21.03
C LYS A 71 14.77 -26.96 -20.17
N SER A 72 15.57 -28.02 -20.16
CA SER A 72 16.81 -28.00 -19.43
C SER A 72 17.78 -27.03 -20.07
N GLY A 73 18.63 -26.45 -19.22
CA GLY A 73 19.67 -25.53 -19.67
C GLY A 73 20.12 -24.67 -18.50
N ALA A 74 21.15 -23.88 -18.74
CA ALA A 74 21.72 -23.04 -17.69
C ALA A 74 21.00 -21.71 -17.63
N ASN A 75 21.14 -21.06 -16.48
CA ASN A 75 20.70 -19.67 -16.31
CA ASN A 75 20.77 -19.65 -16.37
C ASN A 75 19.25 -19.38 -16.68
N ARG A 76 18.38 -20.27 -16.21
CA ARG A 76 16.94 -20.05 -16.29
C ARG A 76 16.46 -19.29 -15.05
N VAL A 77 15.34 -18.59 -15.22
CA VAL A 77 14.73 -17.81 -14.14
CA VAL A 77 14.73 -17.88 -14.10
C VAL A 77 13.25 -18.18 -14.03
N LEU A 78 12.77 -18.29 -12.81
CA LEU A 78 11.37 -18.45 -12.50
CA LEU A 78 11.36 -18.43 -12.50
C LEU A 78 10.77 -17.06 -12.25
N VAL A 79 9.68 -16.75 -12.96
CA VAL A 79 9.02 -15.46 -12.90
C VAL A 79 7.57 -15.75 -12.58
N VAL A 80 7.02 -15.08 -11.56
CA VAL A 80 5.68 -15.39 -11.07
C VAL A 80 4.87 -14.11 -10.96
N VAL A 81 3.64 -14.17 -11.46
CA VAL A 81 2.65 -13.12 -11.26
C VAL A 81 1.37 -13.75 -10.73
N ALA A 82 0.80 -13.18 -9.68
CA ALA A 82 -0.37 -13.76 -9.00
C ALA A 82 -1.44 -12.71 -8.77
N ASN A 83 -2.68 -13.19 -8.61
CA ASN A 83 -3.83 -12.33 -8.29
C ASN A 83 -3.93 -11.19 -9.27
N HIS A 84 -3.93 -11.56 -10.55
CA HIS A 84 -3.71 -10.61 -11.64
C HIS A 84 -4.73 -10.74 -12.73
N ASN A 85 -4.73 -9.72 -13.57
CA ASN A 85 -5.62 -9.57 -14.69
C ASN A 85 -4.89 -9.42 -16.05
N TYR A 86 -3.73 -10.08 -16.20
CA TYR A 86 -2.92 -10.03 -17.41
C TYR A 86 -3.08 -11.29 -18.27
N GLU A 87 -2.74 -11.15 -19.54
CA GLU A 87 -2.58 -12.24 -20.48
C GLU A 87 -1.10 -12.39 -20.71
N LEU A 88 -0.48 -13.45 -20.20
CA LEU A 88 0.99 -13.55 -20.14
C LEU A 88 1.62 -14.54 -21.11
N THR A 89 0.80 -15.38 -21.74
CA THR A 89 1.36 -16.40 -22.61
C THR A 89 2.16 -15.78 -23.77
N GLY A 90 3.37 -16.29 -23.95
CA GLY A 90 4.24 -15.89 -25.03
C GLY A 90 4.96 -14.57 -24.90
N LYS A 91 4.70 -13.82 -23.82
CA LYS A 91 5.35 -12.52 -23.68
C LYS A 91 6.85 -12.71 -23.47
N SER A 92 7.64 -11.77 -23.96
CA SER A 92 9.07 -11.75 -23.65
C SER A 92 9.28 -11.30 -22.20
N LEU A 93 10.47 -11.53 -21.66
CA LEU A 93 10.75 -11.10 -20.30
C LEU A 93 10.63 -9.56 -20.20
N ASN A 94 11.12 -8.87 -21.22
CA ASN A 94 11.06 -7.42 -21.26
C ASN A 94 9.61 -6.94 -21.16
N GLU A 95 8.72 -7.60 -21.89
CA GLU A 95 7.29 -7.27 -21.85
C GLU A 95 6.69 -7.48 -20.47
N VAL A 96 6.97 -8.63 -19.86
CA VAL A 96 6.45 -8.92 -18.54
C VAL A 96 6.97 -7.90 -17.52
N GLU A 97 8.27 -7.63 -17.55
CA GLU A 97 8.88 -6.71 -16.59
C GLU A 97 8.49 -5.25 -16.80
N ALA A 98 7.90 -4.94 -17.94
CA ALA A 98 7.40 -3.60 -18.22
C ALA A 98 5.92 -3.41 -17.86
N LEU A 99 5.22 -4.47 -17.45
CA LEU A 99 3.83 -4.36 -17.07
C LEU A 99 3.66 -3.42 -15.88
N THR A 100 2.61 -2.62 -15.92
CA THR A 100 2.26 -1.78 -14.79
C THR A 100 0.97 -2.23 -14.17
N THR A 101 0.67 -1.65 -13.01
CA THR A 101 -0.67 -1.73 -12.48
C THR A 101 -1.07 -0.34 -12.05
N SER A 102 -2.37 -0.13 -11.91
CA SER A 102 -2.95 1.12 -11.52
C SER A 102 -3.98 0.87 -10.43
N LEU A 103 -4.21 1.87 -9.58
CA LEU A 103 -5.22 1.78 -8.53
C LEU A 103 -6.58 1.90 -9.11
N THR A 104 -7.40 0.90 -8.82
CA THR A 104 -8.76 0.85 -9.31
C THR A 104 -9.72 0.60 -8.16
N ALA A 105 -11.00 0.81 -8.40
CA ALA A 105 -11.98 0.60 -7.34
C ALA A 105 -11.94 -0.85 -6.82
N GLU A 106 -11.78 -1.83 -7.72
CA GLU A 106 -11.82 -3.19 -7.23
C GLU A 106 -10.66 -3.54 -6.27
N ASN A 107 -9.54 -2.81 -6.37
CA ASN A 107 -8.47 -3.03 -5.43
C ASN A 107 -8.93 -2.81 -3.98
N GLN A 108 -9.86 -1.88 -3.77
CA GLN A 108 -10.34 -1.63 -2.42
C GLN A 108 -11.31 -2.66 -1.88
N ASN A 109 -11.68 -3.61 -2.75
CA ASN A 109 -12.38 -4.81 -2.33
CA ASN A 109 -12.40 -4.82 -2.38
C ASN A 109 -11.43 -6.01 -2.36
N ALA A 110 -10.12 -5.71 -2.34
CA ALA A 110 -9.01 -6.70 -2.30
C ALA A 110 -8.94 -7.60 -3.51
N LYS A 111 -9.43 -7.06 -4.63
CA LYS A 111 -9.36 -7.77 -5.91
CA LYS A 111 -9.37 -7.76 -5.92
C LYS A 111 -8.21 -7.23 -6.75
N ASN A 112 -7.58 -8.13 -7.51
CA ASN A 112 -6.46 -7.76 -8.37
CA ASN A 112 -6.43 -7.88 -8.35
C ASN A 112 -5.32 -7.13 -7.59
N LEU A 113 -5.08 -7.61 -6.38
CA LEU A 113 -3.95 -7.15 -5.58
C LEU A 113 -2.74 -7.97 -6.06
N ILE A 114 -2.17 -7.48 -7.15
CA ILE A 114 -1.11 -8.12 -7.93
CA ILE A 114 -1.16 -8.20 -7.89
C ILE A 114 0.03 -8.51 -7.01
N THR A 116 4.07 -10.41 -7.26
CA THR A 116 5.09 -10.94 -8.13
C THR A 116 6.27 -11.51 -7.36
N GLY A 117 7.02 -12.38 -8.05
CA GLY A 117 8.32 -12.85 -7.57
C GLY A 117 9.19 -13.24 -8.73
N LYS A 118 10.49 -13.31 -8.49
CA LYS A 118 11.46 -13.66 -9.51
C LYS A 118 12.67 -14.27 -8.83
N SER A 119 13.06 -15.46 -9.29
CA SER A 119 14.22 -16.12 -8.72
C SER A 119 15.51 -15.54 -9.28
N ALA A 120 16.63 -15.85 -8.63
CA ALA A 120 17.93 -15.74 -9.27
C ALA A 120 18.01 -16.82 -10.36
N ALA A 121 19.01 -16.69 -11.21
CA ALA A 121 19.23 -17.67 -12.25
C ALA A 121 19.71 -19.00 -11.66
N PHE A 122 19.20 -20.08 -12.23
CA PHE A 122 19.58 -21.43 -11.84
C PHE A 122 19.56 -22.38 -13.04
N THR A 123 20.23 -23.50 -12.88
CA THR A 123 20.25 -24.56 -13.88
C THR A 123 19.02 -25.45 -13.75
N ILE A 124 18.39 -25.71 -14.89
CA ILE A 124 17.37 -26.74 -14.99
C ILE A 124 18.03 -27.97 -15.64
N LYS A 125 17.92 -29.11 -14.98
CA LYS A 125 18.41 -30.37 -15.50
C LYS A 125 17.27 -31.15 -16.12
N PRO A 126 17.58 -32.09 -17.04
CA PRO A 126 16.51 -32.98 -17.50
C PRO A 126 15.82 -33.66 -16.31
N GLY A 127 14.51 -33.85 -16.39
CA GLY A 127 13.79 -34.48 -15.29
C GLY A 127 13.15 -33.48 -14.34
N SER A 128 12.96 -33.92 -13.11
CA SER A 128 12.14 -33.20 -12.13
C SER A 128 13.00 -32.31 -11.26
N ASN A 129 12.78 -31.00 -11.39
CA ASN A 129 13.54 -29.97 -10.68
C ASN A 129 12.65 -29.35 -9.60
N HIS A 130 13.25 -28.97 -8.48
CA HIS A 130 12.53 -28.44 -7.35
C HIS A 130 13.24 -27.16 -6.87
N TYR A 131 12.48 -26.07 -6.83
CA TYR A 131 12.99 -24.80 -6.37
C TYR A 131 12.34 -24.46 -5.03
N GLY A 132 13.15 -24.25 -4.00
CA GLY A 132 12.63 -23.74 -2.73
C GLY A 132 11.97 -24.76 -1.86
N TYR A 133 12.09 -26.03 -2.25
CA TYR A 133 11.61 -27.15 -1.44
C TYR A 133 12.50 -27.33 -0.22
N PRO A 134 12.04 -28.12 0.77
CA PRO A 134 12.89 -28.31 1.96
C PRO A 134 14.20 -29.01 1.67
N GLY A 135 15.16 -28.77 2.54
CA GLY A 135 16.39 -29.54 2.50
C GLY A 135 16.10 -31.03 2.43
N GLY A 136 16.93 -31.73 1.65
CA GLY A 136 16.82 -33.17 1.51
C GLY A 136 15.73 -33.69 0.58
N THR A 137 14.96 -32.81 -0.06
CA THR A 137 13.86 -33.23 -0.93
C THR A 137 14.36 -34.04 -2.11
N ALA A 138 13.70 -35.17 -2.32
CA ALA A 138 13.88 -36.02 -3.49
C ALA A 138 13.68 -35.24 -4.77
N SER A 139 14.73 -35.19 -5.58
CA SER A 139 14.74 -34.39 -6.81
C SER A 139 15.84 -34.81 -7.75
N ASP A 140 15.66 -34.52 -9.05
CA ASP A 140 16.75 -34.58 -10.02
C ASP A 140 17.61 -33.33 -9.95
N ASN A 141 17.11 -32.29 -9.31
CA ASN A 141 17.83 -31.02 -9.17
C ASN A 141 17.09 -30.09 -8.20
N LEU A 142 17.55 -30.10 -6.96
CA LEU A 142 17.02 -29.25 -5.90
C LEU A 142 17.84 -27.97 -5.79
N VAL A 143 17.14 -26.84 -5.96
CA VAL A 143 17.70 -25.50 -6.00
CA VAL A 143 17.79 -25.55 -5.88
C VAL A 143 17.07 -24.67 -4.87
N SER A 144 17.83 -23.76 -4.28
CA SER A 144 17.31 -22.84 -3.26
CA SER A 144 17.33 -22.85 -3.25
C SER A 144 16.63 -23.61 -2.12
N ALA A 145 17.25 -24.74 -1.71
CA ALA A 145 16.65 -25.58 -0.67
C ALA A 145 16.44 -24.78 0.60
N GLY A 146 15.23 -24.86 1.14
CA GLY A 146 14.90 -24.18 2.39
C GLY A 146 14.65 -22.68 2.22
N THR A 147 14.65 -22.16 0.99
CA THR A 147 14.34 -20.74 0.74
C THR A 147 13.28 -20.69 -0.37
N PRO A 148 12.01 -20.86 0.02
CA PRO A 148 10.91 -20.75 -0.95
C PRO A 148 10.91 -19.42 -1.69
N LEU A 149 10.26 -19.39 -2.85
CA LEU A 149 10.23 -18.19 -3.65
C LEU A 149 9.32 -17.15 -2.99
N ALA A 150 9.85 -15.95 -2.78
CA ALA A 150 9.04 -14.84 -2.28
C ALA A 150 8.16 -14.28 -3.40
N VAL A 151 6.85 -14.41 -3.22
CA VAL A 151 5.84 -13.89 -4.16
C VAL A 151 5.05 -12.92 -3.27
N THR A 152 5.17 -11.63 -3.56
CA THR A 152 4.65 -10.61 -2.65
CA THR A 152 4.69 -10.60 -2.65
C THR A 152 3.84 -9.55 -3.36
N ARG A 153 2.91 -8.98 -2.60
CA ARG A 153 2.10 -7.89 -3.09
C ARG A 153 2.93 -6.74 -3.60
N VAL A 154 2.40 -6.11 -4.66
CA VAL A 154 2.90 -4.84 -5.15
CA VAL A 154 2.84 -4.85 -5.21
C VAL A 154 2.25 -3.66 -4.41
N HIS A 155 1.03 -3.84 -3.91
CA HIS A 155 0.39 -2.83 -3.10
C HIS A 155 0.94 -2.81 -1.67
N ALA A 156 0.85 -1.63 -1.06
CA ALA A 156 0.99 -1.42 0.38
C ALA A 156 -0.41 -1.15 0.94
N GLY A 157 -0.49 -0.96 2.25
CA GLY A 157 -1.75 -0.61 2.89
C GLY A 157 -1.55 0.52 3.88
N ILE A 158 -2.53 1.41 3.98
CA ILE A 158 -2.52 2.49 4.94
C ILE A 158 -3.86 2.49 5.64
N SER A 159 -3.83 2.51 6.97
CA SER A 159 -5.07 2.43 7.74
C SER A 159 -4.92 3.16 9.06
N PHE A 160 -6.07 3.45 9.67
CA PHE A 160 -6.12 3.90 11.05
C PHE A 160 -6.44 2.71 11.95
N ALA A 161 -5.50 2.37 12.82
CA ALA A 161 -5.72 1.39 13.86
C ALA A 161 -6.67 1.97 14.91
N GLY A 162 -6.66 3.29 15.08
CA GLY A 162 -7.51 3.95 16.06
C GLY A 162 -7.34 5.45 15.93
N VAL A 163 -8.42 6.18 16.24
CA VAL A 163 -8.41 7.62 16.33
C VAL A 163 -9.12 7.99 17.60
N GLU A 164 -8.40 8.73 18.45
CA GLU A 164 -8.94 9.26 19.72
CA GLU A 164 -8.98 9.27 19.69
CA GLU A 164 -8.98 9.27 19.69
C GLU A 164 -8.87 10.79 19.66
N VAL A 165 -9.76 11.44 20.39
CA VAL A 165 -9.79 12.88 20.50
C VAL A 165 -9.69 13.27 21.97
N ASN A 166 -8.69 14.10 22.27
CA ASN A 166 -8.49 14.69 23.60
C ASN A 166 -8.13 16.14 23.42
N ALA A 168 -6.98 19.70 23.72
CA ALA A 168 -6.12 20.38 24.67
C ALA A 168 -6.88 21.50 25.38
N THR A 169 -6.40 21.85 26.56
CA THR A 169 -7.03 22.83 27.43
CA THR A 169 -7.04 22.84 27.42
C THR A 169 -7.43 24.10 26.67
N GLN A 170 -6.54 24.57 25.79
CA GLN A 170 -6.76 25.82 25.06
CA GLN A 170 -6.78 25.82 25.08
C GLN A 170 -7.90 25.79 24.01
N TYR A 171 -8.29 24.57 23.61
CA TYR A 171 -9.33 24.39 22.64
C TYR A 171 -10.61 23.83 23.22
N GLN A 172 -10.60 23.41 24.47
CA GLN A 172 -11.77 22.74 25.06
CA GLN A 172 -11.79 22.70 24.95
C GLN A 172 -13.08 23.57 25.05
N ASN A 173 -12.93 24.89 25.22
CA ASN A 173 -14.09 25.77 25.20
C ASN A 173 -14.60 26.15 23.82
N TYR A 174 -13.88 25.70 22.80
CA TYR A 174 -14.07 26.17 21.42
C TYR A 174 -14.42 25.09 20.41
N TYR A 175 -13.88 23.88 20.57
N TYR A 175 -13.77 23.92 20.57
CA TYR A 175 -13.98 22.90 19.50
CA TYR A 175 -13.68 22.87 19.53
C TYR A 175 -14.18 21.48 19.99
C TYR A 175 -13.85 21.46 20.05
N SER A 176 -14.85 20.67 19.16
N SER A 176 -14.59 20.65 19.28
CA SER A 176 -14.93 19.24 19.34
CA SER A 176 -14.64 19.20 19.44
C SER A 176 -14.93 18.54 17.98
C SER A 176 -14.60 18.57 18.04
N PHE A 177 -14.61 17.25 17.99
CA PHE A 177 -14.53 16.46 16.76
C PHE A 177 -14.92 15.03 17.11
N LYS A 178 -15.77 14.44 16.27
CA LYS A 178 -16.30 13.10 16.48
CA LYS A 178 -16.31 13.09 16.48
C LYS A 178 -15.83 12.14 15.37
N PRO A 179 -14.81 11.30 15.64
CA PRO A 179 -14.36 10.37 14.59
C PRO A 179 -15.45 9.44 14.05
N ALA A 180 -16.44 9.09 14.88
CA ALA A 180 -17.55 8.25 14.41
C ALA A 180 -18.36 8.85 13.27
N ASP A 181 -18.34 10.19 13.17
CA ASP A 181 -19.05 10.92 12.13
C ASP A 181 -18.15 11.27 10.95
N ALA A 182 -16.90 10.82 11.00
CA ALA A 182 -15.89 11.26 10.03
C ALA A 182 -15.73 10.30 8.88
N LYS A 183 -15.09 10.83 7.82
CA LYS A 183 -14.63 10.05 6.69
C LYS A 183 -13.11 9.98 6.73
N ILE A 184 -12.55 9.05 5.98
CA ILE A 184 -11.10 8.95 5.76
C ILE A 184 -10.84 8.90 4.26
N ALA A 185 -9.67 9.39 3.88
CA ALA A 185 -9.28 9.39 2.49
C ALA A 185 -7.78 9.36 2.32
N ALA A 186 -7.35 8.79 1.20
CA ALA A 186 -5.96 8.90 0.75
C ALA A 186 -5.82 10.13 -0.15
N LEU A 187 -4.74 10.87 0.06
CA LEU A 187 -4.38 12.00 -0.77
C LEU A 187 -2.95 11.81 -1.33
N VAL A 188 -2.71 12.42 -2.48
CA VAL A 188 -1.39 12.39 -3.11
C VAL A 188 -0.92 10.95 -3.28
N ALA A 189 -1.86 10.09 -3.70
CA ALA A 189 -1.57 8.66 -3.88
C ALA A 189 -1.11 8.40 -5.31
N LYS A 190 0.00 7.71 -5.49
CA LYS A 190 0.40 7.39 -6.87
C LYS A 190 -0.67 6.53 -7.57
N LYS A 191 -0.98 6.89 -8.82
CA LYS A 191 -1.99 6.20 -9.61
C LYS A 191 -1.52 4.82 -10.09
N ASP A 192 -0.22 4.69 -10.30
CA ASP A 192 0.33 3.52 -10.98
C ASP A 192 1.70 3.18 -10.41
N SER A 193 2.14 1.95 -10.70
CA SER A 193 3.48 1.50 -10.38
C SER A 193 3.87 0.36 -11.33
N LYS A 194 5.16 0.04 -11.29
CA LYS A 194 5.64 -1.18 -11.90
C LYS A 194 5.22 -2.37 -11.03
N ILE A 195 5.44 -3.57 -11.53
CA ILE A 195 5.20 -4.80 -10.77
C ILE A 195 6.44 -5.65 -10.57
N PHE A 196 7.51 -5.33 -11.32
CA PHE A 196 8.85 -5.88 -11.12
C PHE A 196 9.84 -4.72 -11.03
N GLY A 197 10.90 -4.94 -10.26
CA GLY A 197 12.00 -4.01 -10.16
C GLY A 197 12.51 -3.91 -8.75
N ASN A 198 13.73 -3.42 -8.62
CA ASN A 198 14.30 -3.17 -7.31
C ASN A 198 13.43 -2.23 -6.49
N SER A 199 12.88 -1.23 -7.18
CA SER A 199 11.81 -0.38 -6.68
C SER A 199 10.69 -0.48 -7.70
N LEU A 200 9.43 -0.40 -7.25
CA LEU A 200 8.30 -0.37 -8.17
C LEU A 200 7.87 1.03 -8.56
N VAL A 201 8.51 2.06 -8.01
CA VAL A 201 8.08 3.44 -8.25
C VAL A 201 8.17 3.75 -9.76
N SER A 202 7.10 4.24 -10.32
CA SER A 202 7.05 4.61 -11.72
C SER A 202 7.43 6.09 -11.87
N ASN A 203 7.80 6.47 -13.07
CA ASN A 203 8.15 7.86 -13.37
C ASN A 203 7.03 8.72 -14.00
N THR A 204 5.83 8.18 -13.91
N THR A 204 5.77 8.36 -13.77
CA THR A 204 4.69 8.87 -14.32
CA THR A 204 4.60 8.96 -14.47
C THR A 204 4.56 9.86 -13.19
C THR A 204 4.01 10.32 -13.98
N ASN A 205 3.79 10.89 -13.44
N ASN A 205 4.19 10.66 -12.71
CA ASN A 205 3.57 11.89 -12.44
CA ASN A 205 3.68 11.89 -12.18
C ASN A 205 2.09 11.96 -12.20
C ASN A 205 2.15 11.95 -12.17
N ALA A 206 1.48 10.78 -12.15
CA ALA A 206 0.01 10.68 -12.05
C ALA A 206 -0.37 10.23 -10.66
N TYR A 207 -1.30 10.99 -10.06
CA TYR A 207 -1.74 10.76 -8.70
C TYR A 207 -3.28 10.81 -8.59
N LEU A 208 -3.78 10.31 -7.46
CA LEU A 208 -5.18 10.21 -7.14
C LEU A 208 -5.45 10.77 -5.75
N TYR A 209 -6.70 11.23 -5.57
CA TYR A 209 -7.19 11.67 -4.27
C TYR A 209 -8.57 11.11 -4.02
N GLY A 210 -8.87 10.88 -2.77
CA GLY A 210 -10.22 10.45 -2.39
C GLY A 210 -11.18 11.59 -2.09
N VAL A 211 -10.65 12.79 -1.79
CA VAL A 211 -11.46 13.96 -1.52
C VAL A 211 -10.72 15.18 -2.02
N GLN A 212 -11.44 16.07 -2.70
CA GLN A 212 -10.86 17.32 -3.22
CA GLN A 212 -10.85 17.30 -3.22
C GLN A 212 -10.67 18.31 -2.08
N THR A 213 -9.47 18.88 -2.00
CA THR A 213 -9.12 19.86 -0.97
C THR A 213 -8.26 20.94 -1.64
N PRO A 214 -8.02 22.06 -0.96
CA PRO A 214 -7.29 23.16 -1.61
C PRO A 214 -5.86 22.82 -1.98
N ALA A 215 -5.40 23.37 -3.08
CA ALA A 215 -4.04 23.13 -3.50
C ALA A 215 -3.04 23.66 -2.48
N GLY A 216 -1.99 22.90 -2.26
CA GLY A 216 -0.89 23.27 -1.38
C GLY A 216 0.43 22.73 -1.91
N LEU A 217 1.44 22.77 -1.09
CA LEU A 217 2.79 22.37 -1.49
C LEU A 217 2.84 20.93 -2.02
N TYR A 218 2.08 20.05 -1.39
CA TYR A 218 2.14 18.63 -1.71
C TYR A 218 1.27 18.22 -2.89
N THR A 219 0.42 19.13 -3.36
CA THR A 219 -0.51 18.87 -4.43
C THR A 219 0.23 18.62 -5.74
N PRO A 220 -0.08 17.53 -6.44
CA PRO A 220 0.57 17.31 -7.76
C PRO A 220 -0.05 18.20 -8.85
N ASP A 221 0.38 19.46 -8.89
CA ASP A 221 -0.10 20.44 -9.86
C ASP A 221 1.03 21.17 -10.60
N ALA A 222 2.24 20.63 -10.50
CA ALA A 222 3.37 21.15 -11.27
C ALA A 222 3.24 20.67 -12.73
N ALA A 223 4.07 21.24 -13.62
CA ALA A 223 4.05 20.83 -15.01
C ALA A 223 4.10 19.32 -15.12
N GLY A 224 3.20 18.78 -15.94
CA GLY A 224 3.18 17.37 -16.25
C GLY A 224 2.54 16.46 -15.22
N GLU A 225 2.18 17.00 -14.06
CA GLU A 225 1.53 16.18 -13.04
C GLU A 225 0.02 16.16 -13.28
N THR A 226 -0.59 15.02 -12.98
CA THR A 226 -2.04 14.90 -13.01
C THR A 226 -2.55 14.45 -11.64
N TYR A 227 -3.77 14.86 -11.30
CA TYR A 227 -4.33 14.60 -9.99
C TYR A 227 -5.84 14.46 -10.17
N GLU A 228 -6.33 13.25 -9.98
CA GLU A 228 -7.69 12.85 -10.32
C GLU A 228 -8.40 12.25 -9.11
N LEU A 229 -9.71 12.47 -9.03
CA LEU A 229 -10.54 11.82 -8.00
C LEU A 229 -10.66 10.33 -8.26
N GLU A 230 -10.48 9.56 -7.20
CA GLU A 230 -10.80 8.16 -7.19
C GLU A 230 -11.67 7.91 -5.95
N ALA A 231 -12.98 7.75 -6.17
CA ALA A 231 -13.93 7.69 -5.08
C ALA A 231 -13.71 6.51 -4.15
N SER A 232 -13.08 5.46 -4.65
CA SER A 232 -12.76 4.32 -3.78
C SER A 232 -11.67 4.62 -2.74
N LEU A 233 -11.00 5.76 -2.87
CA LEU A 233 -10.04 6.23 -1.88
C LEU A 233 -10.63 7.14 -0.83
N ASN A 234 -11.95 7.09 -0.66
CA ASN A 234 -12.60 7.63 0.52
C ASN A 234 -13.57 6.60 1.05
N THR A 235 -13.71 6.56 2.38
CA THR A 235 -14.65 5.68 3.06
CA THR A 235 -14.69 5.72 3.06
C THR A 235 -15.03 6.35 4.40
N ASN A 236 -15.94 5.75 5.14
CA ASN A 236 -16.20 6.22 6.48
C ASN A 236 -15.11 5.74 7.44
N TYR A 237 -14.86 6.49 8.49
CA TYR A 237 -13.97 6.06 9.55
C TYR A 237 -14.53 4.85 10.30
N ALA A 238 -13.69 3.87 10.52
CA ALA A 238 -13.92 2.80 11.49
C ALA A 238 -12.54 2.28 11.88
N VAL A 239 -12.46 1.64 13.04
CA VAL A 239 -11.22 1.04 13.47
C VAL A 239 -10.76 0.04 12.42
N GLY A 240 -9.52 0.20 11.95
CA GLY A 240 -8.91 -0.68 10.97
C GLY A 240 -9.22 -0.35 9.52
N ALA A 241 -10.06 0.65 9.27
CA ALA A 241 -10.40 1.00 7.90
C ALA A 241 -9.21 1.67 7.23
N GLY A 242 -9.07 1.44 5.93
CA GLY A 242 -7.97 2.04 5.19
C GLY A 242 -8.02 1.68 3.72
N PHE A 243 -6.87 1.80 3.06
CA PHE A 243 -6.76 1.70 1.62
C PHE A 243 -5.51 0.94 1.22
N TYR A 244 -5.65 0.19 0.14
CA TYR A 244 -4.51 -0.33 -0.59
C TYR A 244 -3.99 0.79 -1.50
N VAL A 245 -2.67 0.94 -1.53
CA VAL A 245 -2.00 2.00 -2.29
C VAL A 245 -0.75 1.43 -2.97
N LEU A 246 -0.12 2.25 -3.81
CA LEU A 246 1.05 1.83 -4.54
C LEU A 246 2.32 2.58 -4.10
N GLU A 247 3.46 2.03 -4.52
CA GLU A 247 4.75 2.63 -4.19
C GLU A 247 4.91 4.05 -4.69
N SER A 248 5.64 4.83 -3.89
CA SER A 248 5.88 6.21 -4.19
C SER A 248 7.17 6.65 -3.48
N LYS A 249 7.98 7.44 -4.17
CA LYS A 249 9.20 8.02 -3.61
C LYS A 249 8.91 9.50 -3.43
N TYR A 250 8.87 9.97 -2.19
CA TYR A 250 8.29 11.29 -1.95
C TYR A 250 9.13 12.44 -2.45
N ASP A 251 10.44 12.22 -2.56
CA ASP A 251 11.40 13.24 -2.95
CA ASP A 251 11.40 13.24 -2.96
C ASP A 251 11.98 13.01 -4.36
N ALA A 252 11.23 12.31 -5.20
CA ALA A 252 11.69 12.03 -6.56
C ALA A 252 11.75 13.32 -7.41
N SER A 253 10.86 14.26 -7.10
CA SER A 253 10.84 15.51 -7.88
C SER A 253 11.28 16.65 -6.98
N ASN A 254 11.18 17.86 -7.53
CA ASN A 254 11.60 19.08 -6.84
C ASN A 254 10.72 19.47 -5.63
N GLU A 255 9.47 19.01 -5.58
CA GLU A 255 8.53 19.29 -4.46
C GLU A 255 8.06 17.98 -3.81
N LEU A 256 7.91 17.96 -2.48
CA LEU A 256 7.57 16.71 -1.80
C LEU A 256 6.17 16.23 -2.21
N ARG A 257 6.05 14.91 -2.41
CA ARG A 257 4.79 14.26 -2.81
C ARG A 257 4.48 13.11 -1.89
N PRO A 258 4.19 13.42 -0.62
CA PRO A 258 3.92 12.37 0.38
C PRO A 258 2.52 11.78 0.20
N THR A 259 2.42 10.46 0.29
CA THR A 259 1.13 9.80 0.40
C THR A 259 0.56 10.12 1.77
N ILE A 260 -0.69 10.57 1.80
CA ILE A 260 -1.34 11.02 3.02
C ILE A 260 -2.58 10.21 3.31
N LEU A 261 -2.75 9.80 4.56
CA LEU A 261 -4.04 9.27 5.08
C LEU A 261 -4.65 10.33 5.96
N CYS A 262 -5.89 10.73 5.69
CA CYS A 262 -6.52 11.74 6.52
CA CYS A 262 -6.56 11.81 6.35
C CYS A 262 -7.88 11.34 6.98
N ILE A 263 -8.27 11.89 8.13
CA ILE A 263 -9.60 11.76 8.68
C ILE A 263 -10.19 13.15 8.69
N TYR A 264 -11.44 13.27 8.32
CA TYR A 264 -12.04 14.60 8.16
CA TYR A 264 -12.06 14.58 8.13
C TYR A 264 -13.54 14.58 8.43
N GLY A 265 -14.03 15.70 8.93
CA GLY A 265 -15.43 15.81 9.31
C GLY A 265 -15.65 17.15 9.96
N LYS A 266 -16.81 17.35 10.57
CA LYS A 266 -17.16 18.65 11.10
C LYS A 266 -16.37 19.05 12.36
N LEU A 267 -15.83 20.26 12.33
CA LEU A 267 -15.29 20.90 13.50
C LEU A 267 -16.49 21.49 14.25
N LEU A 268 -16.81 20.91 15.37
CA LEU A 268 -17.98 21.32 16.15
C LEU A 268 -17.59 22.26 17.30
N ASP A 269 -18.60 22.92 17.87
CA ASP A 269 -18.38 23.73 19.08
C ASP A 269 -18.18 22.83 20.30
N LYS A 270 -18.01 23.42 21.47
CA LYS A 270 -17.72 22.65 22.68
C LYS A 270 -18.84 21.68 23.07
N ASP A 271 -20.06 21.92 22.58
CA ASP A 271 -21.24 21.10 22.89
C ASP A 271 -21.63 20.12 21.77
N GLY A 272 -20.82 20.09 20.70
CA GLY A 272 -21.05 19.17 19.58
C GLY A 272 -22.07 19.67 18.58
N ASN A 273 -22.43 20.96 18.65
CA ASN A 273 -23.26 21.54 17.58
CA ASN A 273 -23.25 21.56 17.59
C ASN A 273 -22.39 22.26 16.53
N PRO A 274 -23.00 22.59 15.37
CA PRO A 274 -22.23 23.27 14.35
C PRO A 274 -21.73 24.62 14.85
N LEU A 275 -20.57 25.03 14.37
CA LEU A 275 -20.11 26.35 14.64
C LEU A 275 -21.04 27.34 13.95
N THR A 276 -21.30 28.42 14.66
CA THR A 276 -22.04 29.57 14.15
CA THR A 276 -22.05 29.54 14.12
C THR A 276 -21.10 30.72 14.08
N GLU A 277 -21.53 31.79 13.42
CA GLU A 277 -20.78 33.02 13.41
C GLU A 277 -20.88 33.69 14.80
N PRO A 278 -19.78 34.32 15.26
CA PRO A 278 -18.51 34.54 14.59
C PRO A 278 -17.48 33.44 14.75
N ALA A 279 -17.74 32.46 15.60
CA ALA A 279 -16.73 31.42 15.86
C ALA A 279 -16.36 30.66 14.58
N LEU A 280 -17.32 30.48 13.67
CA LEU A 280 -17.08 29.77 12.41
C LEU A 280 -16.03 30.51 11.57
N THR A 281 -16.25 31.80 11.33
CA THR A 281 -15.29 32.56 10.53
C THR A 281 -13.94 32.66 11.25
N ASP A 282 -13.94 32.80 12.58
CA ASP A 282 -12.69 32.80 13.32
C ASP A 282 -11.88 31.52 12.99
N ALA A 283 -12.57 30.39 12.97
CA ALA A 283 -11.91 29.13 12.68
C ALA A 283 -11.48 28.99 11.22
N ILE A 284 -12.33 29.44 10.31
CA ILE A 284 -12.01 29.34 8.89
C ILE A 284 -10.74 30.15 8.59
N ASN A 285 -10.70 31.40 9.04
CA ASN A 285 -9.58 32.28 8.74
C ASN A 285 -8.31 31.91 9.47
N ALA A 286 -8.43 31.14 10.55
CA ALA A 286 -7.29 30.54 11.22
C ALA A 286 -6.76 29.32 10.48
N GLY A 287 -7.45 28.91 9.42
CA GLY A 287 -7.06 27.78 8.60
C GLY A 287 -7.56 26.45 9.08
N PHE A 288 -8.52 26.42 10.00
CA PHE A 288 -8.95 25.18 10.62
C PHE A 288 -9.98 24.37 9.83
N CYS A 289 -10.83 25.07 9.11
CA CYS A 289 -11.97 24.44 8.46
C CYS A 289 -12.44 25.25 7.26
N ASP A 290 -13.29 24.65 6.45
CA ASP A 290 -13.91 25.35 5.33
C ASP A 290 -15.24 25.98 5.77
N GLY A 291 -15.98 26.52 4.81
CA GLY A 291 -17.23 27.21 5.11
C GLY A 291 -18.34 26.36 5.68
N ASP A 292 -18.26 25.07 5.41
CA ASP A 292 -19.19 24.10 5.95
C ASP A 292 -18.77 23.58 7.31
N GLY A 293 -17.61 24.03 7.79
CA GLY A 293 -17.07 23.57 9.06
C GLY A 293 -16.23 22.30 8.97
N THR A 294 -15.87 21.87 7.75
CA THR A 294 -15.10 20.63 7.59
C THR A 294 -13.64 20.87 7.91
N THR A 295 -13.07 20.04 8.77
CA THR A 295 -11.66 20.06 9.16
C THR A 295 -11.02 18.71 8.80
N TYR A 296 -9.72 18.75 8.57
CA TYR A 296 -8.93 17.60 8.10
C TYR A 296 -7.73 17.36 9.02
N TYR A 297 -7.46 16.09 9.29
CA TYR A 297 -6.31 15.68 10.08
C TYR A 297 -5.50 14.74 9.21
N PRO A 298 -4.46 15.27 8.55
CA PRO A 298 -3.65 14.46 7.66
C PRO A 298 -2.46 13.85 8.37
N VAL A 299 -2.10 12.62 7.95
CA VAL A 299 -0.90 11.95 8.38
C VAL A 299 -0.09 11.64 7.13
N LEU A 300 1.13 12.17 7.05
CA LEU A 300 2.02 11.85 5.94
C LEU A 300 2.60 10.48 6.23
N VAL A 301 2.25 9.50 5.42
CA VAL A 301 2.58 8.12 5.74
C VAL A 301 4.05 7.82 5.60
N ASN A 302 4.67 7.23 6.63
CA ASN A 302 6.09 6.91 6.56
C ASN A 302 6.96 8.13 6.27
N TYR A 303 6.55 9.29 6.77
CA TYR A 303 7.33 10.52 6.68
C TYR A 303 8.27 10.64 7.90
N ASP A 304 9.48 11.09 7.64
CA ASP A 304 10.46 11.34 8.69
C ASP A 304 10.27 12.78 9.16
N GLY A 305 9.37 12.97 10.11
CA GLY A 305 9.12 14.30 10.62
C GLY A 305 7.82 14.34 11.38
N ASN A 306 7.43 15.55 11.74
CA ASN A 306 6.17 15.84 12.40
C ASN A 306 5.97 15.16 13.74
N GLY A 307 7.07 14.73 14.34
CA GLY A 307 6.98 14.02 15.60
C GLY A 307 6.45 12.61 15.55
N TYR A 308 6.22 12.05 14.35
CA TYR A 308 5.63 10.75 14.23
C TYR A 308 6.58 9.69 14.83
N ILE A 309 5.99 8.74 15.55
CA ILE A 309 6.70 7.61 16.18
C ILE A 309 6.40 6.37 15.33
N TYR A 310 7.45 5.58 15.08
CA TYR A 310 7.36 4.34 14.29
C TYR A 310 7.84 3.14 15.07
N SER A 311 7.17 2.02 14.84
CA SER A 311 7.76 0.73 15.23
CA SER A 311 7.60 0.71 15.32
C SER A 311 7.34 -0.35 14.24
N GLY A 312 7.72 -1.58 14.55
CA GLY A 312 7.54 -2.70 13.65
C GLY A 312 8.79 -2.87 12.84
N ALA A 313 8.65 -2.79 11.52
CA ALA A 313 9.78 -3.00 10.62
C ALA A 313 10.77 -1.87 10.64
N ILE A 314 10.34 -0.68 11.10
CA ILE A 314 11.19 0.50 11.10
C ILE A 314 10.94 1.30 12.38
N THR A 315 11.92 2.12 12.79
CA THR A 315 11.68 3.16 13.81
C THR A 315 11.92 4.59 13.31
N GLN A 316 12.26 4.77 12.04
CA GLN A 316 12.45 6.06 11.42
CA GLN A 316 12.39 6.09 11.45
C GLN A 316 11.69 6.08 10.09
N GLY A 317 10.97 7.15 9.80
CA GLY A 317 10.29 7.31 8.53
C GLY A 317 11.28 7.30 7.38
N GLN A 318 10.84 6.75 6.24
CA GLN A 318 11.69 6.56 5.06
C GLN A 318 11.31 7.48 3.90
N ASN A 319 10.23 8.25 4.01
CA ASN A 319 9.81 9.16 2.94
C ASN A 319 9.48 8.44 1.64
N LYS A 320 8.77 7.32 1.78
CA LYS A 320 8.35 6.51 0.64
C LYS A 320 7.28 5.54 1.11
N ILE A 321 6.56 4.99 0.14
CA ILE A 321 5.72 3.84 0.32
C ILE A 321 6.44 2.64 -0.30
N VAL A 322 6.53 1.55 0.46
CA VAL A 322 7.17 0.31 0.00
C VAL A 322 6.10 -0.81 -0.05
N ARG A 323 6.14 -1.55 -1.16
CA ARG A 323 5.24 -2.66 -1.40
C ARG A 323 5.15 -3.61 -0.21
N ASN A 324 3.95 -4.13 0.00
CA ASN A 324 3.71 -5.21 0.92
C ASN A 324 3.83 -4.84 2.40
N ASN A 325 3.90 -3.55 2.68
CA ASN A 325 3.88 -3.03 4.04
CA ASN A 325 3.89 -3.04 4.04
C ASN A 325 2.53 -2.47 4.39
N HIS A 326 2.07 -2.78 5.60
CA HIS A 326 0.85 -2.22 6.16
C HIS A 326 1.25 -1.21 7.22
N TYR A 327 1.01 0.06 6.90
CA TYR A 327 1.28 1.21 7.75
C TYR A 327 0.00 1.47 8.56
N LYS A 328 0.04 1.09 9.85
CA LYS A 328 -1.10 1.12 10.75
CA LYS A 328 -1.11 1.12 10.76
C LYS A 328 -0.95 2.29 11.70
N ILE A 329 -1.77 3.30 11.49
CA ILE A 329 -1.63 4.58 12.18
C ILE A 329 -2.58 4.73 13.36
N SER A 330 -2.03 5.01 14.53
CA SER A 330 -2.81 5.38 15.71
C SER A 330 -2.70 6.89 15.90
N LEU A 331 -3.84 7.58 15.80
CA LEU A 331 -3.90 9.03 15.77
C LEU A 331 -4.57 9.54 17.05
N ASN A 332 -3.95 10.54 17.66
CA ASN A 332 -4.50 11.27 18.76
C ASN A 332 -4.66 12.74 18.34
N ILE A 333 -5.91 13.17 18.32
CA ILE A 333 -6.30 14.52 17.94
C ILE A 333 -6.42 15.40 19.19
N THR A 334 -5.74 16.54 19.18
CA THR A 334 -5.70 17.38 20.38
C THR A 334 -6.14 18.81 20.12
N GLY A 335 -6.53 19.14 18.90
CA GLY A 335 -6.94 20.49 18.60
C GLY A 335 -7.65 20.49 17.27
N PRO A 336 -7.99 21.66 16.74
CA PRO A 336 -8.60 21.75 15.42
C PRO A 336 -7.60 21.26 14.36
N GLY A 337 -8.14 20.79 13.23
CA GLY A 337 -7.35 20.37 12.10
C GLY A 337 -7.04 21.54 11.18
N THR A 338 -6.91 21.23 9.89
CA THR A 338 -6.63 22.16 8.84
C THR A 338 -7.70 22.06 7.76
N ASN A 339 -7.90 23.15 7.03
CA ASN A 339 -8.68 23.14 5.83
C ASN A 339 -7.85 22.80 4.57
N THR A 340 -6.53 22.68 4.73
CA THR A 340 -5.59 22.46 3.62
C THR A 340 -4.60 21.37 4.00
N PRO A 341 -5.06 20.11 3.97
CA PRO A 341 -4.18 19.00 4.35
C PRO A 341 -3.02 18.75 3.39
N GLU A 342 -3.04 19.36 2.20
CA GLU A 342 -1.92 19.23 1.26
C GLU A 342 -0.88 20.35 1.40
N ASN A 343 -0.96 21.12 2.50
CA ASN A 343 0.15 21.99 2.92
C ASN A 343 0.76 21.48 4.22
N PRO A 344 2.07 21.67 4.42
CA PRO A 344 2.67 21.44 5.74
C PRO A 344 2.18 22.51 6.67
N GLN A 345 2.11 22.17 7.94
N GLN A 345 2.01 22.19 7.94
CA GLN A 345 1.89 23.20 8.96
CA GLN A 345 1.57 23.19 8.94
C GLN A 345 3.11 24.11 9.12
C GLN A 345 2.75 24.02 9.52
N PRO A 346 2.89 25.44 9.30
N PRO A 346 2.74 25.40 9.35
CA PRO A 346 4.00 26.35 9.61
CA PRO A 346 3.90 26.30 9.62
C PRO A 346 4.73 25.99 10.91
C PRO A 346 4.69 25.96 10.87
N VAL A 347 4.00 25.47 11.89
CA VAL A 347 4.61 25.05 13.15
C VAL A 347 4.40 23.55 13.37
N GLN A 348 3.21 23.15 13.84
CA GLN A 348 2.88 21.73 14.04
CA GLN A 348 2.87 21.71 13.96
C GLN A 348 1.37 21.52 14.13
N ALA A 349 0.88 20.48 13.44
CA ALA A 349 -0.54 20.12 13.50
C ALA A 349 -0.91 19.70 14.90
N ASN A 350 -2.20 19.83 15.22
CA ASN A 350 -2.76 19.43 16.53
C ASN A 350 -3.09 17.92 16.60
N LEU A 351 -2.05 17.13 16.39
CA LEU A 351 -2.20 15.69 16.36
C LEU A 351 -0.88 15.03 16.62
N ASN A 352 -0.96 13.81 17.18
CA ASN A 352 0.18 12.94 17.45
CA ASN A 352 0.22 13.00 17.25
C ASN A 352 -0.05 11.57 16.85
N VAL A 353 1.01 10.95 16.33
CA VAL A 353 0.92 9.66 15.65
C VAL A 353 1.91 8.66 16.17
N THR A 354 1.43 7.42 16.32
CA THR A 354 2.29 6.26 16.36
C THR A 354 1.88 5.36 15.19
N CYS A 355 2.86 4.81 14.50
CA CYS A 355 2.62 4.00 13.32
C CYS A 355 3.38 2.70 13.40
N GLN A 356 2.65 1.61 13.35
CA GLN A 356 3.23 0.27 13.35
CA GLN A 356 3.21 0.27 13.36
C GLN A 356 3.29 -0.18 11.89
N VAL A 357 4.50 -0.51 11.46
CA VAL A 357 4.73 -0.92 10.09
C VAL A 357 4.96 -2.43 10.07
N THR A 358 4.05 -3.15 9.43
CA THR A 358 4.06 -4.60 9.46
C THR A 358 3.99 -5.14 8.05
N PRO A 359 4.97 -5.94 7.63
CA PRO A 359 4.82 -6.55 6.32
C PRO A 359 3.74 -7.63 6.32
N TRP A 360 3.02 -7.74 5.22
CA TRP A 360 2.06 -8.82 5.08
C TRP A 360 2.77 -10.15 4.80
N VAL A 361 2.14 -11.22 5.23
CA VAL A 361 2.58 -12.55 4.86
C VAL A 361 1.59 -13.15 3.86
N VAL A 362 2.03 -14.25 3.23
CA VAL A 362 1.11 -15.10 2.49
C VAL A 362 0.70 -16.13 3.52
N VAL A 363 -0.61 -16.20 3.72
CA VAL A 363 -1.10 -16.99 4.81
C VAL A 363 -0.74 -18.46 4.56
N ASN A 364 -0.10 -19.10 5.54
CA ASN A 364 0.16 -20.53 5.38
C ASN A 364 -1.07 -21.37 5.76
N GLN A 365 -1.20 -22.57 5.19
CA GLN A 365 -2.48 -23.29 5.32
C GLN A 365 -2.34 -24.81 5.17
#